data_6UY9
#
_entry.id   6UY9
#
_cell.length_a   84.032
_cell.length_b   29.331
_cell.length_c   57.143
_cell.angle_alpha   90.000
_cell.angle_beta   129.620
_cell.angle_gamma   90.000
#
_symmetry.space_group_name_H-M   'C 1 2 1'
#
loop_
_entity.id
_entity.type
_entity.pdbx_description
1 polymer 'SH3 and cysteine-rich domain-containing protein 3'
2 non-polymer 1,2-ETHANEDIOL
3 non-polymer 'SODIUM ION'
4 water water
#
_entity_poly.entity_id   1
_entity_poly.type   'polypeptide(L)'
_entity_poly.pdbx_seq_one_letter_code
;SNAGFQQSHYFVALYRFKALEKDDLDFRPGEKITVIDDSNEESWRGKIGEKVGFFPPNFIIRVRAGERVHRVTRSFVGNR
EIGQITLKKDQIVVQKGDEAGGYVKVYTGRKVGLFPTDFLEEI
;
_entity_poly.pdbx_strand_id   A
#
loop_
_chem_comp.id
_chem_comp.type
_chem_comp.name
_chem_comp.formula
EDO non-polymer 1,2-ETHANEDIOL 'C2 H6 O2'
NA non-polymer 'SODIUM ION' 'Na 1'
#
# COMPACT_ATOMS: atom_id res chain seq x y z
N SER A 1 -15.62 6.19 13.50
CA SER A 1 -16.73 6.73 14.28
C SER A 1 -16.27 7.09 15.69
N ASN A 2 -17.17 7.68 16.46
CA ASN A 2 -16.88 7.96 17.87
C ASN A 2 -17.00 6.72 18.75
N ALA A 3 -17.63 5.66 18.26
CA ALA A 3 -17.69 4.40 18.99
C ALA A 3 -16.38 3.64 18.89
N GLY A 4 -15.70 3.72 17.75
CA GLY A 4 -14.41 3.10 17.61
C GLY A 4 -13.30 3.97 18.18
N PHE A 5 -12.11 3.40 18.24
CA PHE A 5 -10.95 4.11 18.76
C PHE A 5 -10.23 4.83 17.62
N GLN A 6 -9.65 5.98 17.95
CA GLN A 6 -8.89 6.75 16.98
C GLN A 6 -7.78 5.91 16.38
N GLN A 7 -7.58 6.05 15.07
CA GLN A 7 -6.65 5.23 14.31
C GLN A 7 -5.52 6.08 13.76
N SER A 8 -4.28 5.64 13.99
CA SER A 8 -3.08 6.29 13.49
CA SER A 8 -3.12 6.33 13.44
C SER A 8 -2.43 5.50 12.36
N HIS A 9 -3.13 4.53 11.78
CA HIS A 9 -2.61 3.78 10.63
C HIS A 9 -3.79 3.24 9.84
N TYR A 10 -3.49 2.77 8.63
CA TYR A 10 -4.47 2.09 7.78
C TYR A 10 -3.70 1.21 6.81
N PHE A 11 -4.39 0.65 5.82
CA PHE A 11 -3.78 -0.21 4.82
C PHE A 11 -4.24 0.19 3.44
N VAL A 12 -3.41 -0.11 2.44
CA VAL A 12 -3.71 0.15 1.03
CA VAL A 12 -3.77 0.14 1.05
C VAL A 12 -3.52 -1.16 0.26
N ALA A 13 -4.39 -1.40 -0.72
CA ALA A 13 -4.27 -2.58 -1.54
C ALA A 13 -3.05 -2.51 -2.43
N LEU A 14 -2.28 -3.60 -2.49
CA LEU A 14 -1.15 -3.70 -3.40
C LEU A 14 -1.55 -4.28 -4.74
N TYR A 15 -2.55 -5.14 -4.77
CA TYR A 15 -2.95 -5.84 -5.98
C TYR A 15 -4.47 -5.84 -6.12
N ARG A 16 -4.93 -6.29 -7.28
CA ARG A 16 -6.35 -6.53 -7.50
C ARG A 16 -6.76 -7.81 -6.80
N PHE A 17 -7.85 -7.75 -6.04
CA PHE A 17 -8.43 -8.95 -5.44
C PHE A 17 -9.85 -9.10 -5.98
N LYS A 18 -10.10 -10.22 -6.65
CA LYS A 18 -11.42 -10.54 -7.18
C LYS A 18 -12.16 -11.42 -6.17
N ALA A 19 -13.34 -10.97 -5.76
CA ALA A 19 -14.12 -11.69 -4.77
C ALA A 19 -14.45 -13.10 -5.25
N LEU A 20 -14.12 -14.08 -4.41
CA LEU A 20 -14.53 -15.47 -4.64
C LEU A 20 -15.98 -15.70 -4.26
N GLU A 21 -16.48 -14.95 -3.29
CA GLU A 21 -17.77 -15.14 -2.67
C GLU A 21 -18.43 -13.77 -2.48
N LYS A 22 -19.71 -13.79 -2.13
CA LYS A 22 -20.44 -12.55 -1.95
C LYS A 22 -19.85 -11.70 -0.84
N ASP A 23 -19.14 -12.32 0.12
CA ASP A 23 -18.64 -11.61 1.29
C ASP A 23 -17.12 -11.42 1.26
N ASP A 24 -16.51 -11.53 0.09
CA ASP A 24 -15.13 -11.13 -0.10
C ASP A 24 -15.07 -9.65 -0.46
N LEU A 25 -14.01 -8.99 -0.01
CA LEU A 25 -13.85 -7.55 -0.21
C LEU A 25 -13.18 -7.29 -1.54
N ASP A 26 -13.97 -6.86 -2.52
CA ASP A 26 -13.46 -6.51 -3.84
C ASP A 26 -12.65 -5.23 -3.75
N PHE A 27 -11.43 -5.24 -4.27
CA PHE A 27 -10.66 -4.00 -4.31
C PHE A 27 -9.62 -4.00 -5.41
N ARG A 28 -9.22 -2.78 -5.78
CA ARG A 28 -8.21 -2.42 -6.77
C ARG A 28 -6.95 -1.94 -6.07
N PRO A 29 -5.80 -2.01 -6.73
CA PRO A 29 -4.58 -1.47 -6.11
C PRO A 29 -4.77 0.01 -5.78
N GLY A 30 -4.33 0.40 -4.58
CA GLY A 30 -4.38 1.77 -4.15
C GLY A 30 -5.54 2.12 -3.24
N GLU A 31 -6.55 1.26 -3.14
CA GLU A 31 -7.69 1.57 -2.29
C GLU A 31 -7.31 1.50 -0.81
N LYS A 32 -7.90 2.38 -0.02
CA LYS A 32 -7.66 2.42 1.42
C LYS A 32 -8.57 1.43 2.11
N ILE A 33 -7.99 0.62 2.99
CA ILE A 33 -8.70 -0.44 3.69
C ILE A 33 -8.50 -0.25 5.19
N THR A 34 -9.61 -0.32 5.94
CA THR A 34 -9.57 -0.39 7.39
C THR A 34 -9.73 -1.85 7.78
N VAL A 35 -8.72 -2.41 8.44
CA VAL A 35 -8.76 -3.80 8.85
C VAL A 35 -9.54 -3.90 10.16
N ILE A 36 -10.62 -4.68 10.15
CA ILE A 36 -11.46 -4.85 11.33
C ILE A 36 -11.28 -6.19 11.99
N ASP A 37 -10.63 -7.15 11.34
CA ASP A 37 -10.33 -8.44 11.94
C ASP A 37 -9.07 -8.99 11.30
N ASP A 38 -8.01 -9.13 12.10
CA ASP A 38 -6.76 -9.73 11.64
C ASP A 38 -6.36 -10.89 12.54
N SER A 39 -7.34 -11.53 13.19
CA SER A 39 -7.07 -12.63 14.09
C SER A 39 -6.80 -13.95 13.38
N ASN A 40 -7.11 -14.02 12.08
CA ASN A 40 -6.85 -15.20 11.26
C ASN A 40 -5.67 -14.91 10.35
N GLU A 41 -4.68 -15.80 10.36
CA GLU A 41 -3.44 -15.54 9.63
C GLU A 41 -3.65 -15.45 8.13
N GLU A 42 -4.62 -16.21 7.59
CA GLU A 42 -4.74 -16.35 6.14
C GLU A 42 -5.87 -15.52 5.53
N SER A 43 -6.74 -14.93 6.35
CA SER A 43 -7.91 -14.24 5.82
C SER A 43 -8.31 -13.15 6.80
N TRP A 44 -8.19 -11.90 6.39
CA TRP A 44 -8.54 -10.76 7.20
C TRP A 44 -9.86 -10.18 6.74
N ARG A 45 -10.54 -9.49 7.66
CA ARG A 45 -11.77 -8.77 7.35
C ARG A 45 -11.46 -7.27 7.33
N GLY A 46 -12.02 -6.58 6.35
CA GLY A 46 -11.72 -5.18 6.17
C GLY A 46 -12.92 -4.44 5.61
N LYS A 47 -12.82 -3.11 5.66
CA LYS A 47 -13.89 -2.23 5.21
C LYS A 47 -13.32 -1.19 4.26
N ILE A 48 -14.07 -0.92 3.19
CA ILE A 48 -13.78 0.16 2.25
C ILE A 48 -15.05 1.01 2.20
N GLY A 49 -15.08 2.08 2.97
CA GLY A 49 -16.34 2.79 3.15
C GLY A 49 -17.33 1.87 3.85
N GLU A 50 -18.52 1.73 3.27
CA GLU A 50 -19.52 0.81 3.81
C GLU A 50 -19.36 -0.62 3.29
N LYS A 51 -18.45 -0.85 2.35
CA LYS A 51 -18.17 -2.21 1.90
C LYS A 51 -17.35 -2.94 2.96
N VAL A 52 -17.72 -4.19 3.23
CA VAL A 52 -17.00 -5.04 4.19
C VAL A 52 -16.85 -6.43 3.61
N GLY A 53 -15.74 -7.08 3.93
CA GLY A 53 -15.54 -8.45 3.47
C GLY A 53 -14.16 -8.97 3.82
N PHE A 54 -13.92 -10.20 3.38
CA PHE A 54 -12.68 -10.91 3.63
C PHE A 54 -11.74 -10.79 2.43
N PHE A 55 -10.44 -10.96 2.69
CA PHE A 55 -9.43 -10.82 1.65
C PHE A 55 -8.12 -11.40 2.16
N PRO A 56 -7.18 -11.69 1.27
CA PRO A 56 -5.88 -12.24 1.70
C PRO A 56 -4.97 -11.17 2.25
N PRO A 57 -4.35 -11.39 3.41
CA PRO A 57 -3.55 -10.32 4.02
C PRO A 57 -2.34 -9.90 3.19
N ASN A 58 -1.75 -10.79 2.38
CA ASN A 58 -0.57 -10.41 1.62
C ASN A 58 -0.90 -9.47 0.47
N PHE A 59 -2.17 -9.13 0.27
CA PHE A 59 -2.56 -8.21 -0.78
C PHE A 59 -2.53 -6.75 -0.35
N ILE A 60 -2.15 -6.46 0.90
CA ILE A 60 -2.19 -5.10 1.39
C ILE A 60 -0.88 -4.71 2.07
N ILE A 61 -0.71 -3.40 2.24
CA ILE A 61 0.48 -2.81 2.85
C ILE A 61 0.03 -1.81 3.90
N ARG A 62 0.76 -1.74 5.01
CA ARG A 62 0.42 -0.87 6.11
C ARG A 62 0.94 0.54 5.86
N VAL A 63 0.12 1.52 6.23
CA VAL A 63 0.45 2.94 6.06
C VAL A 63 0.22 3.65 7.38
N ARG A 64 1.21 4.40 7.83
CA ARG A 64 1.07 5.22 9.03
C ARG A 64 0.46 6.57 8.67
N ALA A 65 -0.26 7.16 9.62
CA ALA A 65 -0.77 8.51 9.44
C ALA A 65 0.35 9.44 9.03
N GLY A 66 0.10 10.20 7.96
CA GLY A 66 1.09 11.14 7.46
C GLY A 66 2.07 10.57 6.46
N GLU A 67 2.01 9.28 6.18
CA GLU A 67 2.84 8.70 5.13
C GLU A 67 2.14 8.85 3.79
N ARG A 68 2.91 9.12 2.75
CA ARG A 68 2.40 9.27 1.41
C ARG A 68 2.45 7.95 0.67
N VAL A 69 1.45 7.72 -0.18
CA VAL A 69 1.32 6.49 -0.96
C VAL A 69 1.44 6.87 -2.43
N HIS A 70 2.12 6.02 -3.21
CA HIS A 70 2.37 6.30 -4.61
C HIS A 70 2.06 5.10 -5.49
N ARG A 71 1.80 5.38 -6.75
CA ARG A 71 1.77 4.37 -7.80
C ARG A 71 2.92 4.64 -8.75
N VAL A 72 3.61 3.56 -9.15
CA VAL A 72 4.70 3.69 -10.12
C VAL A 72 4.12 3.93 -11.51
N THR A 73 4.57 4.99 -12.16
CA THR A 73 4.09 5.34 -13.49
C THR A 73 5.04 4.91 -14.60
N ARG A 74 6.25 4.48 -14.28
CA ARG A 74 7.25 4.12 -15.28
C ARG A 74 8.20 3.09 -14.66
N SER A 75 8.30 1.93 -15.28
CA SER A 75 9.20 0.89 -14.78
C SER A 75 10.64 1.36 -14.87
N PHE A 76 11.44 1.02 -13.86
CA PHE A 76 12.81 1.54 -13.80
C PHE A 76 13.68 0.60 -12.97
N VAL A 77 14.87 0.32 -13.50
CA VAL A 77 15.84 -0.55 -12.85
C VAL A 77 16.80 0.32 -12.04
N GLY A 78 16.86 0.06 -10.73
CA GLY A 78 17.69 0.86 -9.86
C GLY A 78 19.07 0.29 -9.65
N ASN A 79 19.98 1.17 -9.25
CA ASN A 79 21.37 0.81 -8.88
C ASN A 79 21.31 0.36 -7.42
N ARG A 80 21.20 -0.93 -7.19
CA ARG A 80 20.85 -1.43 -5.87
C ARG A 80 21.92 -1.09 -4.84
N GLU A 81 23.20 -1.17 -5.21
CA GLU A 81 24.25 -1.04 -4.21
C GLU A 81 24.27 0.35 -3.58
N ILE A 82 23.76 1.37 -4.29
CA ILE A 82 23.71 2.70 -3.71
C ILE A 82 22.34 2.99 -3.11
N GLY A 83 21.51 1.96 -2.98
CA GLY A 83 20.26 2.08 -2.26
C GLY A 83 19.02 2.23 -3.10
N GLN A 84 19.14 2.17 -4.43
CA GLN A 84 17.98 2.29 -5.29
C GLN A 84 17.24 0.96 -5.39
N ILE A 85 16.02 1.02 -5.91
CA ILE A 85 15.16 -0.16 -6.01
C ILE A 85 14.55 -0.20 -7.40
N THR A 86 14.33 -1.42 -7.89
CA THR A 86 13.69 -1.66 -9.17
C THR A 86 12.19 -1.85 -8.94
N LEU A 87 11.38 -1.07 -9.66
CA LEU A 87 9.93 -1.16 -9.55
C LEU A 87 9.33 -1.16 -10.95
N LYS A 88 8.11 -1.68 -11.04
CA LYS A 88 7.39 -1.77 -12.29
C LYS A 88 6.16 -0.88 -12.27
N LYS A 89 5.78 -0.41 -13.45
CA LYS A 89 4.59 0.42 -13.60
C LYS A 89 3.40 -0.25 -12.94
N ASP A 90 2.59 0.56 -12.26
CA ASP A 90 1.35 0.21 -11.57
C ASP A 90 1.61 -0.40 -10.20
N GLN A 91 2.87 -0.57 -9.78
CA GLN A 91 3.15 -1.04 -8.43
C GLN A 91 2.81 0.06 -7.42
N ILE A 92 2.36 -0.38 -6.23
CA ILE A 92 1.96 0.51 -5.15
C ILE A 92 3.05 0.48 -4.08
N VAL A 93 3.46 1.66 -3.62
CA VAL A 93 4.51 1.78 -2.62
C VAL A 93 4.18 2.87 -1.61
N VAL A 94 4.82 2.77 -0.45
CA VAL A 94 4.64 3.71 0.66
C VAL A 94 5.93 4.49 0.83
N GLN A 95 5.82 5.82 0.93
CA GLN A 95 6.99 6.68 1.08
C GLN A 95 7.55 6.58 2.49
N LYS A 96 8.88 6.49 2.59
CA LYS A 96 9.55 6.31 3.87
C LYS A 96 10.63 7.34 4.15
N GLY A 97 10.85 8.30 3.27
CA GLY A 97 11.84 9.34 3.49
C GLY A 97 11.46 10.60 2.73
N ASP A 98 12.28 11.63 2.88
CA ASP A 98 12.09 12.87 2.14
C ASP A 98 12.81 12.79 0.80
N GLU A 99 12.26 13.48 -0.20
CA GLU A 99 12.86 13.49 -1.52
CA GLU A 99 12.86 13.49 -1.53
C GLU A 99 14.25 14.11 -1.48
N ALA A 100 15.14 13.59 -2.32
CA ALA A 100 16.50 14.12 -2.44
C ALA A 100 17.09 13.60 -3.74
N GLY A 101 17.66 14.50 -4.53
CA GLY A 101 18.29 14.10 -5.77
C GLY A 101 17.36 13.55 -6.82
N GLY A 102 16.08 13.91 -6.74
CA GLY A 102 15.12 13.37 -7.67
C GLY A 102 14.65 11.97 -7.35
N TYR A 103 15.07 11.41 -6.22
CA TYR A 103 14.65 10.10 -5.76
C TYR A 103 13.97 10.25 -4.40
N VAL A 104 13.19 9.24 -4.03
CA VAL A 104 12.58 9.18 -2.71
C VAL A 104 12.57 7.74 -2.23
N LYS A 105 12.76 7.55 -0.92
CA LYS A 105 12.77 6.22 -0.34
C LYS A 105 11.36 5.69 -0.21
N VAL A 106 11.14 4.46 -0.68
CA VAL A 106 9.83 3.84 -0.66
C VAL A 106 9.93 2.40 -0.18
N TYR A 107 8.77 1.86 0.20
CA TYR A 107 8.64 0.49 0.69
C TYR A 107 7.59 -0.23 -0.15
N THR A 108 7.94 -1.44 -0.61
CA THR A 108 7.05 -2.23 -1.45
C THR A 108 6.17 -3.18 -0.64
N GLY A 109 6.49 -3.40 0.63
CA GLY A 109 5.94 -4.49 1.41
C GLY A 109 6.94 -5.61 1.65
N ARG A 110 7.94 -5.74 0.77
CA ARG A 110 9.04 -6.65 1.01
C ARG A 110 10.42 -6.00 0.89
N LYS A 111 10.58 -4.90 0.15
CA LYS A 111 11.88 -4.26 0.03
C LYS A 111 11.76 -2.75 0.13
N VAL A 112 12.87 -2.13 0.49
CA VAL A 112 12.99 -0.69 0.70
C VAL A 112 14.07 -0.17 -0.25
N GLY A 113 13.87 1.04 -0.80
CA GLY A 113 14.90 1.62 -1.63
C GLY A 113 14.46 2.93 -2.25
N LEU A 114 15.43 3.58 -2.89
CA LEU A 114 15.24 4.88 -3.53
C LEU A 114 14.72 4.70 -4.95
N PHE A 115 13.73 5.52 -5.32
CA PHE A 115 13.10 5.44 -6.62
C PHE A 115 12.85 6.84 -7.16
N PRO A 116 12.97 7.04 -8.48
CA PRO A 116 12.83 8.40 -9.03
C PRO A 116 11.42 8.96 -8.82
N THR A 117 11.36 10.19 -8.32
CA THR A 117 10.08 10.84 -8.08
C THR A 117 9.34 11.11 -9.40
N ASP A 118 10.06 11.29 -10.50
CA ASP A 118 9.41 11.52 -11.78
C ASP A 118 8.60 10.31 -12.24
N PHE A 119 8.92 9.11 -11.73
CA PHE A 119 8.25 7.89 -12.12
C PHE A 119 7.23 7.43 -11.09
N LEU A 120 6.78 8.34 -10.24
CA LEU A 120 5.74 8.07 -9.27
C LEU A 120 4.62 9.10 -9.43
N GLU A 121 3.42 8.72 -9.03
CA GLU A 121 2.29 9.64 -8.87
C GLU A 121 1.67 9.37 -7.51
N GLU A 122 1.18 10.42 -6.86
CA GLU A 122 0.62 10.26 -5.53
C GLU A 122 -0.83 9.79 -5.62
N ILE A 123 -1.18 8.85 -4.76
CA ILE A 123 -2.55 8.35 -4.71
C ILE A 123 -3.13 8.44 -3.31
C1 EDO B . 19.67 8.51 -5.30
O1 EDO B . 20.56 7.50 -5.79
C2 EDO B . 19.82 9.78 -6.13
O2 EDO B . 21.16 10.29 -6.02
H11 EDO B . 18.64 8.15 -5.35
H12 EDO B . 19.90 8.73 -4.26
HO1 EDO B . 20.45 6.69 -5.27
H21 EDO B . 19.60 9.55 -7.18
H22 EDO B . 19.11 10.53 -5.79
HO2 EDO B . 21.25 11.09 -6.56
C1 EDO C . -20.87 6.63 16.20
O1 EDO C . -20.15 6.38 17.41
C2 EDO C . -20.78 8.10 15.83
O2 EDO C . -19.51 8.42 15.25
H11 EDO C . -21.91 6.33 16.31
H12 EDO C . -20.43 6.02 15.39
HO1 EDO C . -20.35 5.49 17.73
H21 EDO C . -20.93 8.70 16.73
H22 EDO C . -21.57 8.35 15.12
HO2 EDO C . -19.48 9.36 15.02
NA NA D . -1.41 3.30 14.64
#